data_3O32
#
_entry.id   3O32
#
_cell.length_a   90.530
_cell.length_b   90.530
_cell.length_c   309.830
_cell.angle_alpha   90.000
_cell.angle_beta   90.000
_cell.angle_gamma   120.000
#
_symmetry.space_group_name_H-M   'P 63 2 2'
#
loop_
_entity.id
_entity.type
_entity.pdbx_description
1 polymer 'Chlorocatechol 1,2-dioxygenase'
2 non-polymer 'FE (III) ION'
3 non-polymer 3,5-dichlorobenzene-1,2-diol
4 non-polymer '(2R)-3-(PHOSPHONOOXY)-2-(TETRADECANOYLOXY)PROPYL PALMITATE'
5 water water
#
_entity_poly.entity_id   1
_entity_poly.type   'polypeptide(L)'
_entity_poly.pdbx_seq_one_letter_code
;MANTRVIELFDEFTDLIRDFIVRHEITTPEYETIMQYMISVGEAGEWPLWLDAFFETTVDSVSYGKGNWTSSAIQGPFFK
EGAPLLTGKPATLPMRADEPGDRMRFTGSVRDTSGTPITGAVIDVWHSTNDGNYSFFSPALPDQYLLRGRVVPAEDGSIE
FHSIRPVPYEIPKAGPTGQLMNSYLGRHSWRPAHIHIRITADGYRPLITQLYFEGDPYLDSDSCSAVKSELVLPVNKIDI
DGETWQLVDFNFILQHN
;
_entity_poly.pdbx_strand_id   A,B
#
# COMPACT_ATOMS: atom_id res chain seq x y z
N ALA A 2 -2.84 -20.30 7.89
CA ALA A 2 -3.95 -19.45 7.34
C ALA A 2 -5.05 -19.08 8.38
N ASN A 3 -5.05 -17.82 8.80
CA ASN A 3 -6.06 -17.36 9.76
C ASN A 3 -7.35 -17.03 9.03
N THR A 4 -8.47 -17.56 9.53
CA THR A 4 -9.79 -17.16 9.03
C THR A 4 -10.03 -15.64 9.21
N ARG A 5 -9.47 -15.06 10.27
CA ARG A 5 -9.42 -13.60 10.41
C ARG A 5 -8.98 -13.04 9.08
N VAL A 6 -7.74 -13.34 8.73
CA VAL A 6 -7.18 -12.84 7.51
C VAL A 6 -8.04 -13.30 6.32
N ILE A 7 -8.50 -14.54 6.34
CA ILE A 7 -9.22 -15.01 5.18
C ILE A 7 -10.50 -14.20 4.96
N GLU A 8 -11.40 -14.25 5.94
CA GLU A 8 -12.64 -13.50 5.91
C GLU A 8 -12.43 -12.02 5.65
N LEU A 9 -11.50 -11.40 6.38
CA LEU A 9 -11.26 -9.95 6.23
C LEU A 9 -10.79 -9.60 4.85
N PHE A 10 -9.71 -10.22 4.41
CA PHE A 10 -9.08 -9.83 3.15
C PHE A 10 -10.10 -9.95 2.01
N ASP A 11 -10.88 -11.03 2.05
CA ASP A 11 -11.89 -11.28 1.05
C ASP A 11 -12.90 -10.16 0.95
N GLU A 12 -13.49 -9.80 2.07
CA GLU A 12 -14.34 -8.62 2.14
C GLU A 12 -13.62 -7.35 1.69
N PHE A 13 -12.36 -7.19 2.09
CA PHE A 13 -11.60 -6.02 1.71
C PHE A 13 -11.52 -5.91 0.21
N THR A 14 -11.13 -7.00 -0.46
CA THR A 14 -11.07 -6.99 -1.94
C THR A 14 -12.43 -6.70 -2.58
N ASP A 15 -13.50 -7.31 -2.09
CA ASP A 15 -14.83 -6.95 -2.58
C ASP A 15 -15.06 -5.46 -2.45
N LEU A 16 -14.84 -4.91 -1.23
CA LEU A 16 -14.97 -3.48 -1.03
C LEU A 16 -14.22 -2.71 -2.10
N ILE A 17 -12.90 -2.89 -2.16
CA ILE A 17 -12.09 -2.12 -3.12
C ILE A 17 -12.60 -2.27 -4.56
N ARG A 18 -13.01 -3.47 -4.94
CA ARG A 18 -13.47 -3.68 -6.31
C ARG A 18 -14.78 -2.96 -6.60
N ASP A 19 -15.73 -3.04 -5.68
CA ASP A 19 -16.95 -2.25 -5.81
C ASP A 19 -16.60 -0.77 -5.98
N PHE A 20 -15.52 -0.34 -5.31
CA PHE A 20 -15.15 1.05 -5.30
C PHE A 20 -14.75 1.50 -6.72
N ILE A 21 -13.70 0.86 -7.25
CA ILE A 21 -13.34 0.95 -8.67
C ILE A 21 -14.54 1.06 -9.63
N VAL A 22 -15.47 0.11 -9.51
CA VAL A 22 -16.69 0.07 -10.30
C VAL A 22 -17.59 1.29 -10.02
N ARG A 23 -17.97 1.55 -8.77
CA ARG A 23 -18.80 2.73 -8.37
C ARG A 23 -18.27 4.08 -8.85
N HIS A 24 -16.94 4.24 -8.88
CA HIS A 24 -16.36 5.54 -9.19
C HIS A 24 -15.69 5.61 -10.57
N GLU A 25 -15.90 4.56 -11.37
CA GLU A 25 -15.33 4.46 -12.72
C GLU A 25 -13.84 4.80 -12.71
N ILE A 26 -13.13 4.10 -11.81
CA ILE A 26 -11.69 4.31 -11.67
C ILE A 26 -10.92 3.84 -12.92
N THR A 27 -10.30 4.80 -13.59
CA THR A 27 -9.70 4.53 -14.89
C THR A 27 -8.28 3.97 -14.80
N THR A 28 -7.82 3.35 -15.89
CA THR A 28 -6.43 2.89 -16.00
C THR A 28 -5.39 3.98 -15.68
N PRO A 29 -5.51 5.18 -16.27
CA PRO A 29 -4.49 6.15 -15.89
C PRO A 29 -4.68 6.64 -14.45
N GLU A 30 -5.89 6.48 -13.90
CA GLU A 30 -6.11 6.81 -12.49
C GLU A 30 -5.43 5.72 -11.64
N TYR A 31 -5.70 4.47 -11.97
CA TYR A 31 -5.08 3.33 -11.31
C TYR A 31 -3.53 3.37 -11.30
N GLU A 32 -2.93 3.73 -12.43
CA GLU A 32 -1.48 3.84 -12.56
C GLU A 32 -0.92 4.96 -11.71
N THR A 33 -1.69 6.06 -11.59
CA THR A 33 -1.32 7.13 -10.68
C THR A 33 -1.37 6.66 -9.23
N ILE A 34 -2.44 5.94 -8.88
CA ILE A 34 -2.57 5.37 -7.54
C ILE A 34 -1.38 4.49 -7.21
N MET A 35 -1.17 3.44 -8.01
CA MET A 35 0.00 2.57 -7.91
C MET A 35 1.30 3.37 -7.84
N GLN A 36 1.48 4.36 -8.70
CA GLN A 36 2.69 5.15 -8.62
C GLN A 36 2.82 5.84 -7.26
N TYR A 37 1.77 6.53 -6.81
CA TYR A 37 1.75 7.17 -5.48
C TYR A 37 2.10 6.20 -4.34
N MET A 38 1.48 5.03 -4.35
CA MET A 38 1.90 4.02 -3.39
C MET A 38 3.41 3.87 -3.40
N ILE A 39 3.99 3.63 -4.57
CA ILE A 39 5.40 3.31 -4.65
C ILE A 39 6.20 4.44 -4.02
N SER A 40 5.89 5.66 -4.48
CA SER A 40 6.49 6.83 -3.90
C SER A 40 6.33 6.90 -2.36
N VAL A 41 5.20 6.45 -1.81
CA VAL A 41 5.02 6.45 -0.35
C VAL A 41 6.06 5.54 0.32
N GLY A 42 6.11 4.29 -0.15
CA GLY A 42 7.16 3.38 0.28
C GLY A 42 8.56 3.96 0.17
N GLU A 43 8.90 4.55 -0.97
CA GLU A 43 10.25 5.08 -1.16
C GLU A 43 10.62 6.24 -0.27
N ALA A 44 9.65 7.06 0.08
CA ALA A 44 9.87 8.12 1.06
C ALA A 44 9.90 7.54 2.47
N GLY A 45 9.84 6.21 2.57
CA GLY A 45 9.72 5.49 3.84
C GLY A 45 8.59 6.08 4.66
N GLU A 46 7.45 6.38 4.03
CA GLU A 46 6.39 7.17 4.68
C GLU A 46 5.12 6.37 4.97
N TRP A 47 5.22 5.04 4.98
CA TRP A 47 4.02 4.30 5.30
C TRP A 47 3.50 4.54 6.70
N PRO A 48 4.37 4.40 7.74
CA PRO A 48 3.85 4.67 9.09
C PRO A 48 3.27 6.07 9.23
N LEU A 49 3.95 7.11 8.74
CA LEU A 49 3.41 8.47 8.76
C LEU A 49 2.07 8.56 8.04
N TRP A 50 1.99 7.86 6.92
CA TRP A 50 0.80 7.96 6.07
C TRP A 50 -0.42 7.23 6.71
N LEU A 51 -0.24 5.97 7.12
CA LEU A 51 -1.33 5.26 7.75
C LEU A 51 -1.75 5.85 9.13
N ASP A 52 -0.78 6.19 9.96
CA ASP A 52 -1.18 6.77 11.23
C ASP A 52 -2.00 8.05 10.99
N ALA A 53 -1.56 8.88 10.04
CA ALA A 53 -2.27 10.16 9.75
C ALA A 53 -3.72 9.98 9.36
N PHE A 54 -3.97 9.05 8.45
CA PHE A 54 -5.30 8.97 7.93
C PHE A 54 -6.15 8.01 8.74
N PHE A 55 -5.50 7.07 9.47
CA PHE A 55 -6.22 5.97 10.15
C PHE A 55 -5.96 5.64 11.62
N GLU A 56 -4.87 6.07 12.22
CA GLU A 56 -4.63 5.59 13.59
C GLU A 56 -5.80 5.98 14.50
N THR A 57 -6.35 7.18 14.29
CA THR A 57 -7.47 7.64 15.11
C THR A 57 -8.56 6.61 15.23
N THR A 58 -8.81 5.89 14.14
CA THR A 58 -9.96 5.05 14.05
C THR A 58 -9.69 3.78 14.80
N VAL A 59 -8.53 3.15 14.52
CA VAL A 59 -8.09 1.99 15.32
C VAL A 59 -8.00 2.26 16.84
N ASP A 60 -7.52 3.44 17.23
CA ASP A 60 -7.44 3.88 18.62
C ASP A 60 -8.82 3.90 19.25
N SER A 61 -9.80 4.44 18.53
CA SER A 61 -11.20 4.60 19.02
C SER A 61 -11.95 3.28 19.19
N VAL A 62 -11.50 2.23 18.54
CA VAL A 62 -12.10 0.93 18.81
C VAL A 62 -11.27 0.06 19.75
N SER A 63 -10.05 0.49 20.09
CA SER A 63 -9.13 -0.39 20.81
C SER A 63 -8.69 0.03 22.23
N TYR A 64 -9.41 0.98 22.83
CA TYR A 64 -9.19 1.40 24.24
C TYR A 64 -10.37 2.31 24.59
N GLY A 65 -10.90 2.14 25.82
CA GLY A 65 -12.18 2.78 26.24
C GLY A 65 -12.08 4.18 26.80
N LYS A 66 -13.22 4.88 26.79
CA LYS A 66 -13.44 6.06 27.65
C LYS A 66 -14.00 5.64 29.02
N GLY A 67 -13.73 6.44 30.06
CA GLY A 67 -14.07 6.08 31.43
C GLY A 67 -13.32 6.97 32.38
N ASN A 68 -13.12 6.58 33.62
CA ASN A 68 -12.44 7.56 34.49
C ASN A 68 -10.90 7.48 34.50
N TRP A 69 -10.32 6.89 33.46
CA TRP A 69 -8.89 6.79 33.37
C TRP A 69 -8.52 7.68 32.24
N THR A 70 -7.26 8.07 32.16
CA THR A 70 -6.83 8.97 31.14
C THR A 70 -7.17 8.50 29.73
N SER A 71 -7.65 9.42 28.93
CA SER A 71 -7.92 9.06 27.57
C SER A 71 -6.65 8.80 26.82
N SER A 72 -6.68 7.74 26.01
CA SER A 72 -5.61 7.44 25.08
C SER A 72 -5.69 8.38 23.88
N ALA A 73 -4.70 8.25 23.02
CA ALA A 73 -4.61 8.91 21.73
C ALA A 73 -3.50 8.21 20.95
N ILE A 74 -3.45 8.48 19.64
CA ILE A 74 -2.63 7.75 18.70
C ILE A 74 -1.14 7.87 19.05
N GLN A 75 -0.41 6.77 18.86
CA GLN A 75 1.04 6.74 19.05
C GLN A 75 1.80 7.53 17.96
N GLY A 76 1.28 7.52 16.73
CA GLY A 76 1.99 8.07 15.58
C GLY A 76 3.22 7.25 15.32
N PRO A 77 3.96 7.58 14.25
CA PRO A 77 5.14 6.81 13.75
C PRO A 77 6.52 7.14 14.41
N PHE A 78 6.56 8.00 15.43
CA PHE A 78 7.88 8.50 15.86
C PHE A 78 8.32 7.99 17.21
N PHE A 79 7.69 6.91 17.69
CA PHE A 79 8.14 6.35 18.91
C PHE A 79 9.41 5.55 18.71
N LYS A 80 10.31 5.65 19.68
CA LYS A 80 11.47 4.78 19.79
C LYS A 80 11.62 4.15 21.16
N GLU A 81 11.81 2.83 21.21
CA GLU A 81 12.24 2.13 22.43
C GLU A 81 13.61 2.55 22.91
N GLY A 82 13.83 2.33 24.21
CA GLY A 82 15.13 2.49 24.84
C GLY A 82 15.57 3.90 25.13
N ALA A 83 14.67 4.85 25.34
CA ALA A 83 15.05 6.22 25.74
C ALA A 83 15.65 6.15 27.13
N PRO A 84 16.60 7.07 27.43
CA PRO A 84 17.28 6.95 28.70
C PRO A 84 16.43 7.34 29.90
N LEU A 85 16.69 6.69 31.03
CA LEU A 85 16.11 7.17 32.27
C LEU A 85 16.69 8.55 32.51
N LEU A 86 15.80 9.52 32.72
CA LEU A 86 16.19 10.85 33.14
C LEU A 86 16.23 10.85 34.65
N THR A 87 17.41 11.08 35.16
CA THR A 87 17.56 11.23 36.61
C THR A 87 18.21 12.59 36.89
N GLY A 88 17.83 13.29 37.93
CA GLY A 88 18.28 14.67 38.04
C GLY A 88 17.66 15.59 39.08
N LYS A 89 18.24 16.77 39.25
CA LYS A 89 17.81 17.74 40.25
C LYS A 89 16.60 18.43 39.70
N PRO A 90 16.61 18.60 38.39
CA PRO A 90 15.42 18.86 37.60
C PRO A 90 15.58 18.04 36.34
N ALA A 91 14.87 16.93 36.21
CA ALA A 91 15.10 16.07 35.08
C ALA A 91 14.89 16.80 33.80
N THR A 92 15.74 16.56 32.82
CA THR A 92 15.58 17.20 31.53
C THR A 92 15.78 16.22 30.36
N LEU A 93 14.85 16.26 29.40
CA LEU A 93 15.04 15.56 28.14
C LEU A 93 16.39 15.93 27.54
N PRO A 94 17.13 14.94 27.02
CA PRO A 94 18.36 15.28 26.34
C PRO A 94 17.98 16.14 25.18
N MET A 95 18.83 17.12 24.89
CA MET A 95 18.52 18.27 24.03
C MET A 95 19.84 18.65 23.41
N ARG A 96 19.87 19.20 22.20
CA ARG A 96 21.16 19.71 21.72
C ARG A 96 21.46 21.00 22.46
N ALA A 97 22.73 21.45 22.36
CA ALA A 97 23.16 22.74 22.94
C ALA A 97 22.40 23.84 22.25
N ASP A 98 21.86 24.77 23.05
CA ASP A 98 21.08 25.89 22.54
C ASP A 98 19.87 25.55 21.72
N GLU A 99 19.32 24.35 21.91
CA GLU A 99 18.02 23.97 21.34
C GLU A 99 17.02 25.11 21.41
N PRO A 100 16.55 25.58 20.27
CA PRO A 100 15.52 26.63 20.13
C PRO A 100 14.31 26.40 20.98
N GLY A 101 13.73 27.47 21.54
CA GLY A 101 12.38 27.37 22.11
C GLY A 101 12.28 27.68 23.57
N ASP A 102 11.03 27.85 24.03
CA ASP A 102 10.75 28.26 25.39
C ASP A 102 10.90 27.13 26.37
N ARG A 103 11.60 27.39 27.45
CA ARG A 103 11.67 26.44 28.53
C ARG A 103 10.24 26.10 28.89
N MET A 104 9.92 24.81 29.02
CA MET A 104 8.67 24.35 29.58
C MET A 104 8.98 23.42 30.76
N ARG A 105 8.08 23.38 31.74
CA ARG A 105 8.21 22.49 32.89
C ARG A 105 6.88 21.74 33.04
N PHE A 106 6.92 20.41 33.10
CA PHE A 106 5.73 19.61 33.11
C PHE A 106 5.60 18.95 34.46
N THR A 107 4.47 19.10 35.14
CA THR A 107 4.32 18.41 36.42
C THR A 107 3.06 17.55 36.34
N GLY A 108 2.91 16.59 37.25
CA GLY A 108 1.69 15.82 37.26
C GLY A 108 1.85 14.64 38.20
N SER A 109 1.17 13.54 37.89
CA SER A 109 1.31 12.30 38.65
C SER A 109 0.70 11.11 37.88
N VAL A 110 0.88 9.91 38.44
CA VAL A 110 0.23 8.73 37.94
C VAL A 110 -0.45 8.07 39.13
N ARG A 111 -1.75 7.78 39.00
CA ARG A 111 -2.45 7.09 40.08
C ARG A 111 -3.31 6.04 39.49
N ASP A 112 -3.89 5.18 40.33
CA ASP A 112 -4.91 4.20 39.86
C ASP A 112 -6.37 4.68 39.89
N THR A 113 -7.28 3.90 39.30
CA THR A 113 -8.68 4.36 39.19
C THR A 113 -9.28 4.59 40.55
N SER A 114 -8.54 4.19 41.59
CA SER A 114 -8.95 4.39 42.98
C SER A 114 -8.10 5.43 43.78
N GLY A 115 -7.37 6.31 43.08
CA GLY A 115 -6.45 7.31 43.72
C GLY A 115 -5.04 6.94 44.21
N THR A 116 -4.73 5.65 44.24
CA THR A 116 -3.40 5.25 44.71
C THR A 116 -2.32 5.63 43.69
N PRO A 117 -1.28 6.34 44.15
CA PRO A 117 -0.12 6.58 43.30
C PRO A 117 0.47 5.23 42.83
N ILE A 118 0.90 5.17 41.58
CA ILE A 118 1.53 3.98 41.02
C ILE A 118 2.99 4.33 40.95
N THR A 119 3.77 3.87 41.91
CA THR A 119 5.12 4.29 41.96
C THR A 119 5.97 3.50 41.00
N GLY A 120 5.43 2.37 40.52
CA GLY A 120 6.12 1.54 39.52
C GLY A 120 6.00 1.97 38.06
N ALA A 121 5.40 3.12 37.80
CA ALA A 121 5.17 3.52 36.43
C ALA A 121 6.47 4.00 35.84
N VAL A 122 6.64 3.89 34.53
CA VAL A 122 7.75 4.54 33.86
C VAL A 122 7.09 5.33 32.74
N ILE A 123 7.42 6.61 32.60
CA ILE A 123 6.73 7.43 31.61
C ILE A 123 7.68 7.76 30.52
N ASP A 124 7.42 7.34 29.27
CA ASP A 124 8.23 7.72 28.14
C ASP A 124 7.71 9.04 27.62
N VAL A 125 8.56 10.00 27.28
CA VAL A 125 8.05 11.17 26.62
C VAL A 125 8.87 11.38 25.42
N TRP A 126 8.22 11.74 24.30
CA TRP A 126 8.93 12.15 23.09
C TRP A 126 8.18 13.34 22.43
N HIS A 127 8.90 14.27 21.82
CA HIS A 127 8.25 15.28 20.98
C HIS A 127 9.25 15.75 19.97
N SER A 128 8.80 16.52 18.97
CA SER A 128 9.68 17.06 17.94
C SER A 128 10.43 18.25 18.44
N THR A 129 11.44 18.65 17.65
CA THR A 129 12.10 19.98 17.72
C THR A 129 11.14 21.06 17.18
N ASN A 130 11.38 22.35 17.45
CA ASN A 130 10.52 23.42 16.91
C ASN A 130 10.67 23.49 15.41
N ASP A 131 11.87 23.14 14.94
CA ASP A 131 12.18 23.09 13.53
C ASP A 131 11.32 22.02 12.86
N GLY A 132 10.59 21.24 13.66
CA GLY A 132 9.66 20.23 13.16
C GLY A 132 10.30 18.89 12.79
N ASN A 133 11.16 18.35 13.66
CA ASN A 133 11.83 17.06 13.42
C ASN A 133 11.94 16.22 14.68
N TYR A 134 11.74 14.92 14.50
CA TYR A 134 11.84 13.90 15.52
C TYR A 134 13.14 13.12 15.34
N SER A 135 13.94 12.98 16.40
CA SER A 135 15.15 12.17 16.29
C SER A 135 14.84 10.70 15.99
N PHE A 136 15.76 10.07 15.24
CA PHE A 136 15.66 8.75 14.59
C PHE A 136 14.78 8.75 13.33
N PHE A 137 14.17 9.89 13.01
CA PHE A 137 13.27 9.93 11.87
C PHE A 137 13.42 11.20 11.12
N SER A 138 14.66 11.67 11.04
CA SER A 138 14.98 12.81 10.22
C SER A 138 16.44 12.84 9.81
N PRO A 139 16.70 12.95 8.49
CA PRO A 139 18.14 13.05 8.11
C PRO A 139 18.76 14.35 8.63
N ALA A 140 17.92 15.27 9.14
CA ALA A 140 18.39 16.54 9.72
C ALA A 140 18.69 16.45 11.24
N LEU A 141 18.41 15.29 11.84
CA LEU A 141 18.79 15.02 13.23
C LEU A 141 19.52 13.70 13.26
N PRO A 142 20.48 13.57 14.19
CA PRO A 142 21.28 12.36 14.32
C PRO A 142 20.50 11.27 14.99
N ASP A 143 20.87 10.00 14.78
CA ASP A 143 20.08 8.93 15.37
C ASP A 143 20.57 8.70 16.79
N GLN A 144 20.27 9.70 17.63
CA GLN A 144 20.53 9.64 19.04
C GLN A 144 19.26 10.09 19.74
N TYR A 145 19.08 9.79 21.01
CA TYR A 145 17.89 10.18 21.70
C TYR A 145 17.95 11.65 22.04
N LEU A 146 17.26 12.47 21.24
CA LEU A 146 17.09 13.90 21.47
C LEU A 146 15.60 14.19 21.70
N LEU A 147 15.25 14.98 22.70
CA LEU A 147 13.86 15.14 23.08
C LEU A 147 13.07 13.82 23.20
N ARG A 148 13.66 12.83 23.86
CA ARG A 148 13.07 11.55 24.22
C ARG A 148 13.70 11.10 25.49
N GLY A 149 12.92 10.59 26.44
CA GLY A 149 13.51 10.04 27.67
C GLY A 149 12.47 9.45 28.63
N ARG A 150 12.91 8.96 29.78
CA ARG A 150 11.99 8.33 30.68
C ARG A 150 12.04 8.93 32.06
N VAL A 151 10.88 9.13 32.64
CA VAL A 151 10.76 9.81 33.90
C VAL A 151 10.09 8.82 34.88
N VAL A 152 10.44 8.85 36.16
CA VAL A 152 9.74 7.98 37.15
C VAL A 152 9.07 8.76 38.26
N PRO A 153 7.96 8.25 38.81
CA PRO A 153 7.35 9.09 39.86
C PRO A 153 8.10 9.01 41.17
N ALA A 154 7.93 9.97 42.05
CA ALA A 154 8.55 9.88 43.35
C ALA A 154 7.68 8.99 44.24
N GLU A 155 8.20 8.61 45.43
CA GLU A 155 7.50 7.71 46.38
C GLU A 155 6.04 8.02 46.50
N ASP A 156 5.66 9.26 46.13
CA ASP A 156 4.32 9.78 46.36
C ASP A 156 3.50 9.96 45.08
N GLY A 157 4.11 9.72 43.92
CA GLY A 157 3.34 9.65 42.66
C GLY A 157 3.54 10.80 41.70
N SER A 158 4.33 11.76 42.10
CA SER A 158 4.46 12.93 41.29
C SER A 158 5.50 12.70 40.22
N ILE A 159 5.26 13.27 39.05
CA ILE A 159 6.21 13.21 37.98
C ILE A 159 6.56 14.66 37.79
N GLU A 160 7.65 14.89 37.07
CA GLU A 160 8.22 16.20 36.89
C GLU A 160 9.25 16.00 35.83
N PHE A 161 9.17 16.73 34.72
CA PHE A 161 10.33 16.90 33.84
C PHE A 161 10.34 18.27 33.18
N HIS A 162 11.46 18.61 32.57
CA HIS A 162 11.67 19.87 31.86
C HIS A 162 12.03 19.63 30.43
N SER A 163 11.83 20.63 29.57
CA SER A 163 12.08 20.44 28.16
C SER A 163 11.81 21.75 27.39
N ILE A 164 12.03 21.78 26.07
CA ILE A 164 11.54 22.94 25.33
C ILE A 164 10.05 22.76 25.09
N ARG A 165 9.37 23.84 24.78
CA ARG A 165 7.97 23.73 24.57
C ARG A 165 7.69 23.29 23.13
N PRO A 166 6.90 22.22 22.93
CA PRO A 166 6.61 21.90 21.51
C PRO A 166 5.83 23.02 20.84
N VAL A 167 5.96 23.11 19.52
CA VAL A 167 5.17 24.03 18.68
C VAL A 167 4.57 23.24 17.53
N PRO A 168 3.47 23.74 16.90
CA PRO A 168 2.79 23.02 15.83
C PRO A 168 3.73 22.49 14.79
N TYR A 169 3.52 21.25 14.38
CA TYR A 169 4.40 20.53 13.45
C TYR A 169 3.70 20.45 12.08
N GLU A 170 4.48 20.34 11.02
CA GLU A 170 3.92 20.35 9.65
C GLU A 170 4.55 19.23 8.86
N ILE A 171 3.78 18.15 8.70
CA ILE A 171 4.18 17.03 7.84
C ILE A 171 4.77 17.62 6.56
N PRO A 172 5.98 17.22 6.17
CA PRO A 172 6.71 17.86 5.05
C PRO A 172 5.97 17.89 3.68
N LYS A 173 5.69 19.10 3.19
CA LYS A 173 4.99 19.37 1.88
C LYS A 173 5.64 18.68 0.67
N ALA A 174 6.94 18.41 0.79
CA ALA A 174 7.70 17.76 -0.26
C ALA A 174 7.34 16.29 -0.40
N GLY A 175 7.21 15.60 0.74
CA GLY A 175 6.91 14.16 0.76
C GLY A 175 5.54 13.82 0.20
N PRO A 176 5.34 12.54 -0.14
CA PRO A 176 4.08 12.00 -0.66
C PRO A 176 2.88 12.40 0.17
N THR A 177 2.86 12.05 1.45
CA THR A 177 1.83 12.49 2.38
C THR A 177 1.59 14.01 2.33
N GLY A 178 2.66 14.79 2.30
CA GLY A 178 2.55 16.25 2.29
C GLY A 178 1.86 16.74 1.04
N GLN A 179 2.29 16.20 -0.09
CA GLN A 179 1.62 16.46 -1.36
C GLN A 179 0.16 16.14 -1.25
N LEU A 180 -0.18 14.90 -0.98
CA LEU A 180 -1.58 14.54 -0.81
C LEU A 180 -2.37 15.62 -0.08
N MET A 181 -2.01 15.88 1.17
CA MET A 181 -2.76 16.80 2.04
C MET A 181 -2.83 18.21 1.47
N ASN A 182 -1.67 18.74 1.08
CA ASN A 182 -1.57 20.14 0.63
C ASN A 182 -2.04 20.34 -0.81
N SER A 183 -1.23 19.91 -1.77
CA SER A 183 -1.54 20.11 -3.18
C SER A 183 -2.83 19.43 -3.62
N TYR A 184 -2.86 18.10 -3.57
CA TYR A 184 -4.04 17.39 -4.05
C TYR A 184 -5.36 17.65 -3.30
N LEU A 185 -5.33 17.84 -1.99
CA LEU A 185 -6.60 18.00 -1.23
C LEU A 185 -6.90 19.45 -0.83
N GLY A 186 -5.98 20.37 -1.16
CA GLY A 186 -6.10 21.77 -0.80
C GLY A 186 -6.45 21.90 0.66
N ARG A 187 -5.68 21.23 1.50
CA ARG A 187 -5.83 21.24 2.95
C ARG A 187 -4.43 21.37 3.51
N HIS A 188 -4.31 21.72 4.77
CA HIS A 188 -3.00 21.85 5.31
C HIS A 188 -2.51 20.51 5.92
N SER A 189 -1.27 20.50 6.40
CA SER A 189 -0.67 19.33 7.02
C SER A 189 -0.02 19.62 8.38
N TRP A 190 -0.51 20.62 9.10
CA TRP A 190 -0.04 20.92 10.45
C TRP A 190 -0.70 20.01 11.50
N ARG A 191 0.09 19.44 12.40
CA ARG A 191 -0.45 18.98 13.69
C ARG A 191 -0.21 20.07 14.74
N PRO A 192 -1.02 20.10 15.80
CA PRO A 192 -0.72 21.07 16.85
C PRO A 192 0.39 20.62 17.80
N ALA A 193 0.90 21.52 18.62
CA ALA A 193 1.93 21.11 19.56
C ALA A 193 1.43 20.02 20.48
N HIS A 194 2.21 18.96 20.59
CA HIS A 194 1.85 17.82 21.41
C HIS A 194 3.10 17.20 22.04
N ILE A 195 2.92 16.71 23.27
CA ILE A 195 3.90 15.87 23.92
C ILE A 195 3.34 14.47 23.72
N HIS A 196 4.16 13.53 23.24
CA HIS A 196 3.77 12.10 23.26
C HIS A 196 4.10 11.48 24.62
N ILE A 197 3.20 10.63 25.13
CA ILE A 197 3.37 9.90 26.39
C ILE A 197 3.10 8.40 26.27
N ARG A 198 3.98 7.58 26.87
CA ARG A 198 3.54 6.21 27.17
C ARG A 198 3.82 5.89 28.62
N ILE A 199 2.83 5.43 29.38
CA ILE A 199 3.11 5.00 30.76
C ILE A 199 2.91 3.47 30.88
N THR A 200 3.90 2.74 31.35
CA THR A 200 3.65 1.34 31.63
C THR A 200 3.85 1.09 33.11
N ALA A 201 3.27 0.03 33.65
CA ALA A 201 3.50 -0.30 35.06
C ALA A 201 2.98 -1.71 35.39
N ASP A 202 3.79 -2.51 36.09
CA ASP A 202 3.37 -3.88 36.37
C ASP A 202 2.03 -3.76 37.00
N GLY A 203 1.05 -4.54 36.56
CA GLY A 203 -0.29 -4.45 37.15
C GLY A 203 -1.29 -3.64 36.32
N TYR A 204 -0.85 -2.85 35.36
CA TYR A 204 -1.73 -1.91 34.75
C TYR A 204 -1.67 -1.99 33.25
N ARG A 205 -2.71 -1.51 32.59
CA ARG A 205 -2.74 -1.50 31.14
C ARG A 205 -1.97 -0.31 30.69
N PRO A 206 -1.04 -0.52 29.76
CA PRO A 206 -0.17 0.55 29.26
C PRO A 206 -1.02 1.63 28.63
N LEU A 207 -0.61 2.89 28.78
CA LEU A 207 -1.34 4.03 28.28
C LEU A 207 -0.49 4.79 27.25
N ILE A 208 -1.02 5.02 26.06
CA ILE A 208 -0.29 5.82 25.10
C ILE A 208 -1.23 6.94 24.77
N THR A 209 -0.77 8.16 25.01
CA THR A 209 -1.60 9.30 24.84
C THR A 209 -0.79 10.50 24.36
N GLN A 210 -1.42 11.66 24.25
CA GLN A 210 -0.73 12.86 23.76
C GLN A 210 -1.29 14.02 24.51
N LEU A 211 -0.51 15.07 24.68
CA LEU A 211 -1.04 16.19 25.42
C LEU A 211 -0.92 17.41 24.59
N TYR A 212 -2.00 18.19 24.52
CA TYR A 212 -1.98 19.41 23.76
C TYR A 212 -2.07 20.67 24.64
N PHE A 213 -1.93 21.78 23.95
CA PHE A 213 -1.81 23.04 24.60
C PHE A 213 -3.04 23.93 24.33
N GLU A 214 -3.54 24.55 25.40
CA GLU A 214 -4.70 25.45 25.29
C GLU A 214 -4.30 26.59 24.42
N GLY A 215 -5.14 26.89 23.44
CA GLY A 215 -4.94 28.04 22.58
C GLY A 215 -4.21 27.70 21.30
N ASP A 216 -3.70 26.47 21.21
CA ASP A 216 -2.96 26.06 20.03
C ASP A 216 -3.81 26.47 18.83
N PRO A 217 -3.19 27.17 17.86
CA PRO A 217 -3.83 27.48 16.59
C PRO A 217 -4.47 26.28 15.90
N TYR A 218 -4.04 25.07 16.22
CA TYR A 218 -4.50 23.93 15.42
C TYR A 218 -5.40 22.92 16.10
N LEU A 219 -5.91 23.24 17.29
CA LEU A 219 -6.75 22.26 17.99
C LEU A 219 -7.87 21.70 17.12
N ASP A 220 -8.47 22.60 16.34
CA ASP A 220 -9.71 22.32 15.65
C ASP A 220 -9.50 21.94 14.22
N SER A 221 -8.25 21.64 13.91
CA SER A 221 -7.81 21.46 12.53
C SER A 221 -6.61 20.50 12.46
N ASP A 222 -6.45 19.66 13.47
CA ASP A 222 -5.38 18.66 13.42
C ASP A 222 -5.43 17.87 12.11
N SER A 223 -4.40 18.03 11.27
CA SER A 223 -4.24 17.18 10.07
C SER A 223 -4.46 15.70 10.34
N CYS A 224 -3.98 15.23 11.49
CA CYS A 224 -4.09 13.83 11.83
C CYS A 224 -5.34 13.49 12.68
N SER A 225 -6.06 14.52 13.10
CA SER A 225 -7.38 14.32 13.73
C SER A 225 -7.28 13.50 15.02
N ALA A 226 -6.27 13.82 15.80
CA ALA A 226 -6.01 13.12 17.01
C ALA A 226 -6.26 13.89 18.25
N VAL A 227 -6.91 15.03 18.19
CA VAL A 227 -7.10 15.73 19.44
C VAL A 227 -8.36 15.42 20.20
N LYS A 228 -8.24 15.51 21.50
CA LYS A 228 -9.34 15.24 22.37
C LYS A 228 -9.25 16.28 23.48
N SER A 229 -10.41 16.85 23.79
CA SER A 229 -10.50 17.92 24.77
C SER A 229 -10.03 17.53 26.17
N GLU A 230 -10.33 16.35 26.67
CA GLU A 230 -9.79 16.01 28.02
C GLU A 230 -8.27 16.02 28.02
N LEU A 231 -7.69 16.13 26.82
CA LEU A 231 -6.25 16.08 26.63
C LEU A 231 -5.69 17.45 26.30
N VAL A 232 -6.39 18.52 26.66
CA VAL A 232 -5.88 19.86 26.35
C VAL A 232 -5.49 20.66 27.59
N LEU A 233 -4.19 20.80 27.82
CA LEU A 233 -3.64 21.45 29.00
C LEU A 233 -3.68 22.97 28.99
N PRO A 234 -4.12 23.55 30.12
CA PRO A 234 -3.92 24.98 30.22
C PRO A 234 -2.41 25.24 30.35
N VAL A 235 -1.93 26.34 29.80
CA VAL A 235 -0.54 26.68 30.03
C VAL A 235 -0.39 27.87 30.98
N ASN A 236 0.54 27.82 31.92
CA ASN A 236 0.82 28.95 32.76
C ASN A 236 2.21 29.58 32.64
N LYS A 237 2.27 30.69 31.92
CA LYS A 237 3.45 31.56 31.88
C LYS A 237 3.88 32.00 33.29
N ILE A 238 5.20 31.96 33.54
CA ILE A 238 5.83 32.25 34.83
C ILE A 238 7.24 32.75 34.55
N ASP A 239 7.73 33.69 35.37
CA ASP A 239 9.14 34.16 35.27
C ASP A 239 9.96 33.74 36.50
N ILE A 240 11.15 33.21 36.25
CA ILE A 240 12.03 32.73 37.34
C ILE A 240 13.49 32.95 36.93
N ASP A 241 14.19 33.83 37.67
CA ASP A 241 15.56 34.27 37.33
C ASP A 241 15.60 35.01 35.96
N GLY A 242 14.61 35.86 35.68
CA GLY A 242 14.41 36.41 34.33
C GLY A 242 14.35 35.27 33.31
N GLU A 243 13.37 34.39 33.53
CA GLU A 243 13.15 33.17 32.71
C GLU A 243 11.65 32.86 32.50
N THR A 244 11.22 32.97 31.24
CA THR A 244 9.84 32.64 30.83
C THR A 244 9.53 31.10 30.74
N TRP A 245 9.38 30.47 31.92
CA TRP A 245 8.93 29.07 32.03
C TRP A 245 7.46 28.86 31.66
N GLN A 246 7.17 27.75 31.02
CA GLN A 246 5.79 27.43 30.79
C GLN A 246 5.39 26.23 31.64
N LEU A 247 4.39 26.42 32.48
CA LEU A 247 3.95 25.36 33.33
C LEU A 247 2.83 24.64 32.70
N VAL A 248 2.92 23.32 32.74
CA VAL A 248 1.90 22.46 32.18
C VAL A 248 1.81 21.29 33.16
N ASP A 249 0.60 20.94 33.58
CA ASP A 249 0.44 19.94 34.61
C ASP A 249 -0.62 19.00 34.11
N PHE A 250 -0.49 17.69 34.40
CA PHE A 250 -1.47 16.70 34.04
C PHE A 250 -1.39 15.42 34.91
N ASN A 251 -2.57 15.01 35.39
CA ASN A 251 -2.67 13.89 36.29
C ASN A 251 -3.20 12.65 35.63
N PHE A 252 -2.32 11.68 35.42
CA PHE A 252 -2.62 10.47 34.73
C PHE A 252 -3.29 9.49 35.66
N ILE A 253 -4.24 8.74 35.09
CA ILE A 253 -4.88 7.65 35.80
C ILE A 253 -4.82 6.37 34.98
N LEU A 254 -4.20 5.38 35.55
CA LEU A 254 -4.07 4.11 34.90
C LEU A 254 -5.20 3.13 35.25
N GLN A 255 -5.57 2.25 34.32
CA GLN A 255 -6.44 1.11 34.65
C GLN A 255 -5.69 -0.13 35.15
N HIS A 256 -6.33 -0.88 36.05
CA HIS A 256 -5.84 -2.19 36.46
C HIS A 256 -5.91 -3.20 35.34
N ASN A 257 -4.80 -3.94 35.23
CA ASN A 257 -4.57 -5.29 34.63
C ASN A 257 -3.19 -5.45 33.97
N ASN B 3 -7.45 16.66 -8.70
CA ASN B 3 -7.58 17.57 -7.53
C ASN B 3 -9.03 17.56 -7.02
N THR B 4 -9.99 18.11 -7.72
CA THR B 4 -11.35 17.91 -7.27
C THR B 4 -11.80 16.43 -7.38
N ARG B 5 -11.32 15.70 -8.36
CA ARG B 5 -11.60 14.26 -8.48
C ARG B 5 -10.95 13.40 -7.36
N VAL B 6 -9.67 13.65 -7.10
CA VAL B 6 -9.01 12.97 -5.97
C VAL B 6 -9.62 13.32 -4.60
N ILE B 7 -10.11 14.56 -4.41
CA ILE B 7 -10.77 14.91 -3.15
C ILE B 7 -11.95 13.98 -3.01
N GLU B 8 -12.68 13.78 -4.10
CA GLU B 8 -13.92 12.98 -4.06
C GLU B 8 -13.66 11.57 -3.65
N LEU B 9 -12.69 10.96 -4.32
CA LEU B 9 -12.39 9.56 -4.12
C LEU B 9 -11.69 9.41 -2.82
N PHE B 10 -10.73 10.29 -2.57
CA PHE B 10 -9.96 10.08 -1.37
C PHE B 10 -10.85 10.02 -0.14
N ASP B 11 -11.86 10.86 -0.08
CA ASP B 11 -12.69 10.96 1.11
C ASP B 11 -13.64 9.82 1.18
N GLU B 12 -14.05 9.38 0.01
CA GLU B 12 -14.95 8.25 -0.12
C GLU B 12 -14.16 6.99 0.26
N PHE B 13 -12.92 6.91 -0.23
CA PHE B 13 -12.01 5.84 0.19
C PHE B 13 -11.77 5.80 1.72
N THR B 14 -11.31 6.90 2.25
CA THR B 14 -11.14 7.08 3.67
C THR B 14 -12.32 6.56 4.55
N ASP B 15 -13.54 7.08 4.31
CA ASP B 15 -14.76 6.65 5.05
C ASP B 15 -14.94 5.13 5.06
N LEU B 16 -14.54 4.52 3.94
CA LEU B 16 -14.70 3.13 3.69
C LEU B 16 -13.73 2.26 4.51
N ILE B 17 -12.44 2.61 4.48
CA ILE B 17 -11.46 1.93 5.30
C ILE B 17 -11.73 2.18 6.78
N ARG B 18 -12.07 3.41 7.15
CA ARG B 18 -12.35 3.69 8.55
C ARG B 18 -13.49 2.81 9.02
N ASP B 19 -14.52 2.74 8.18
CA ASP B 19 -15.68 1.93 8.44
C ASP B 19 -15.32 0.45 8.59
N PHE B 20 -14.38 -0.01 7.75
CA PHE B 20 -13.86 -1.36 7.87
C PHE B 20 -13.21 -1.59 9.22
N ILE B 21 -12.33 -0.66 9.62
CA ILE B 21 -11.62 -0.74 10.90
C ILE B 21 -12.64 -0.81 12.06
N VAL B 22 -13.66 0.05 11.97
CA VAL B 22 -14.64 0.14 13.06
C VAL B 22 -15.48 -1.13 13.15
N ARG B 23 -16.06 -1.56 12.01
CA ARG B 23 -16.91 -2.78 11.99
C ARG B 23 -16.14 -4.00 12.43
N HIS B 24 -14.89 -4.12 12.03
CA HIS B 24 -14.18 -5.35 12.37
C HIS B 24 -13.29 -5.17 13.61
N GLU B 25 -13.49 -4.05 14.30
CA GLU B 25 -12.67 -3.75 15.48
C GLU B 25 -11.20 -4.13 15.30
N ILE B 26 -10.56 -3.55 14.26
CA ILE B 26 -9.16 -3.80 13.96
C ILE B 26 -8.32 -3.33 15.14
N THR B 27 -7.60 -4.27 15.72
CA THR B 27 -6.87 -4.03 16.95
C THR B 27 -5.54 -3.40 16.57
N THR B 28 -4.74 -3.03 17.55
CA THR B 28 -3.47 -2.38 17.24
C THR B 28 -2.47 -3.37 16.65
N PRO B 29 -2.22 -4.50 17.34
CA PRO B 29 -1.32 -5.50 16.75
C PRO B 29 -1.67 -5.80 15.28
N GLU B 30 -2.96 -5.97 15.02
CA GLU B 30 -3.45 -6.15 13.68
C GLU B 30 -3.04 -5.03 12.76
N TYR B 31 -3.33 -3.80 13.19
CA TYR B 31 -3.00 -2.61 12.39
C TYR B 31 -1.53 -2.61 12.03
N GLU B 32 -0.71 -3.00 13.00
CA GLU B 32 0.72 -2.94 12.90
C GLU B 32 1.25 -4.00 11.98
N THR B 33 0.56 -5.14 11.98
CA THR B 33 0.89 -6.23 11.10
C THR B 33 0.57 -5.88 9.65
N ILE B 34 -0.48 -5.08 9.43
CA ILE B 34 -0.83 -4.60 8.09
C ILE B 34 0.22 -3.59 7.60
N MET B 35 0.58 -2.66 8.48
CA MET B 35 1.48 -1.59 8.11
C MET B 35 2.81 -2.22 7.71
N GLN B 36 3.30 -3.17 8.55
CA GLN B 36 4.55 -3.87 8.30
C GLN B 36 4.45 -4.60 6.97
N TYR B 37 3.40 -5.39 6.79
CA TYR B 37 3.13 -6.03 5.49
C TYR B 37 3.21 -5.12 4.27
N MET B 38 2.49 -4.00 4.28
CA MET B 38 2.56 -3.08 3.16
C MET B 38 4.00 -2.60 2.90
N ILE B 39 4.76 -2.38 3.98
CA ILE B 39 6.14 -1.94 3.88
C ILE B 39 7.00 -3.01 3.21
N SER B 40 6.77 -4.26 3.60
CA SER B 40 7.26 -5.40 2.80
C SER B 40 7.07 -5.18 1.33
N VAL B 41 5.84 -5.33 0.86
CA VAL B 41 5.49 -5.30 -0.56
C VAL B 41 6.25 -4.20 -1.32
N GLY B 42 6.46 -3.08 -0.65
CA GLY B 42 7.18 -1.97 -1.25
C GLY B 42 8.70 -2.10 -1.19
N GLU B 43 9.20 -2.84 -0.20
CA GLU B 43 10.62 -3.09 -0.01
C GLU B 43 11.14 -4.11 -1.04
N ALA B 44 10.37 -5.17 -1.30
CA ALA B 44 10.51 -5.86 -2.58
C ALA B 44 9.99 -4.85 -3.62
N GLY B 45 9.63 -5.31 -4.81
CA GLY B 45 9.07 -4.36 -5.78
C GLY B 45 7.75 -4.90 -6.28
N GLU B 46 6.92 -5.35 -5.33
CA GLU B 46 5.75 -6.10 -5.71
C GLU B 46 4.46 -5.27 -5.79
N TRP B 47 4.54 -3.94 -5.69
CA TRP B 47 3.30 -3.15 -5.76
C TRP B 47 2.52 -3.42 -7.05
N PRO B 48 3.15 -3.15 -8.22
CA PRO B 48 2.50 -3.50 -9.48
C PRO B 48 2.17 -4.98 -9.51
N LEU B 49 3.08 -5.82 -9.01
CA LEU B 49 2.71 -7.19 -8.89
C LEU B 49 1.41 -7.30 -8.09
N TRP B 50 1.43 -6.78 -6.85
CA TRP B 50 0.33 -6.95 -5.89
C TRP B 50 -0.99 -6.34 -6.33
N LEU B 51 -0.95 -5.08 -6.75
CA LEU B 51 -2.13 -4.40 -7.25
C LEU B 51 -2.78 -5.08 -8.47
N ASP B 52 -1.95 -5.55 -9.42
CA ASP B 52 -2.45 -6.10 -10.70
C ASP B 52 -3.08 -7.46 -10.46
N ALA B 53 -2.51 -8.19 -9.51
CA ALA B 53 -2.97 -9.51 -9.12
C ALA B 53 -4.36 -9.56 -8.48
N PHE B 54 -4.81 -8.44 -7.90
CA PHE B 54 -6.08 -8.44 -7.17
C PHE B 54 -7.13 -7.55 -7.75
N PHE B 55 -6.68 -6.47 -8.40
CA PHE B 55 -7.54 -5.37 -8.83
C PHE B 55 -7.62 -5.02 -10.34
N GLU B 56 -6.52 -5.12 -11.10
CA GLU B 56 -6.51 -4.66 -12.52
C GLU B 56 -7.58 -5.33 -13.41
N THR B 57 -7.89 -6.60 -13.14
CA THR B 57 -9.05 -7.26 -13.76
C THR B 57 -10.31 -6.37 -13.72
N THR B 58 -10.48 -5.65 -12.60
CA THR B 58 -11.61 -4.76 -12.36
C THR B 58 -11.38 -3.44 -13.06
N VAL B 59 -10.20 -2.87 -12.87
CA VAL B 59 -9.82 -1.63 -13.56
C VAL B 59 -10.02 -1.75 -15.07
N ASP B 60 -9.79 -2.96 -15.62
CA ASP B 60 -10.04 -3.29 -17.05
C ASP B 60 -11.53 -3.38 -17.43
N SER B 61 -12.33 -4.09 -16.62
CA SER B 61 -13.79 -4.18 -16.81
C SER B 61 -14.54 -2.83 -16.73
N VAL B 62 -13.79 -1.73 -16.63
CA VAL B 62 -14.42 -0.41 -16.46
C VAL B 62 -13.94 0.55 -17.55
N SER B 63 -12.61 0.61 -17.74
CA SER B 63 -12.00 1.55 -18.69
C SER B 63 -12.31 1.20 -20.14
N TYR B 64 -12.15 -0.08 -20.46
CA TYR B 64 -12.42 -0.63 -21.79
C TYR B 64 -13.92 -0.80 -22.03
N GLY B 65 -14.55 -1.75 -21.32
CA GLY B 65 -15.96 -2.05 -21.47
C GLY B 65 -16.23 -3.54 -21.36
N LYS B 66 -17.50 -3.92 -21.53
CA LYS B 66 -17.93 -5.32 -21.38
C LYS B 66 -19.01 -5.74 -22.38
N GLY B 67 -18.61 -5.91 -23.65
CA GLY B 67 -19.53 -6.35 -24.71
C GLY B 67 -18.86 -7.22 -25.79
N ASN B 68 -19.52 -7.31 -26.94
CA ASN B 68 -19.01 -8.08 -28.09
C ASN B 68 -17.79 -7.39 -28.76
N TRP B 69 -16.82 -7.04 -27.92
CA TRP B 69 -15.64 -6.25 -28.32
C TRP B 69 -14.40 -7.14 -28.27
N THR B 70 -14.62 -8.45 -28.14
CA THR B 70 -13.58 -9.40 -27.69
C THR B 70 -13.01 -8.91 -26.36
N SER B 71 -12.97 -9.80 -25.38
CA SER B 71 -12.75 -9.40 -23.98
C SER B 71 -11.32 -8.98 -23.62
N SER B 72 -11.23 -7.97 -22.75
CA SER B 72 -9.96 -7.41 -22.30
C SER B 72 -9.41 -8.16 -21.09
N ALA B 73 -8.09 -8.22 -21.01
CA ALA B 73 -7.42 -8.85 -19.87
C ALA B 73 -6.25 -7.98 -19.47
N ILE B 74 -5.79 -8.20 -18.24
CA ILE B 74 -4.76 -7.38 -17.63
C ILE B 74 -3.47 -7.32 -18.48
N GLN B 75 -2.82 -6.16 -18.45
CA GLN B 75 -1.59 -5.89 -19.18
C GLN B 75 -0.45 -6.73 -18.59
N GLY B 76 -0.17 -6.53 -17.30
CA GLY B 76 0.78 -7.36 -16.56
C GLY B 76 2.26 -6.99 -16.66
N PRO B 77 2.92 -6.87 -15.50
CA PRO B 77 4.37 -6.65 -15.46
C PRO B 77 5.13 -7.82 -16.08
N PHE B 78 5.67 -7.55 -17.26
CA PHE B 78 6.28 -8.52 -18.19
C PHE B 78 6.12 -7.91 -19.59
N PHE B 79 5.32 -6.85 -19.65
CA PHE B 79 4.99 -6.13 -20.88
C PHE B 79 6.20 -5.82 -21.73
N LYS B 80 6.05 -6.04 -23.04
CA LYS B 80 7.12 -5.75 -23.99
C LYS B 80 6.86 -4.42 -24.68
N GLU B 81 7.89 -3.59 -24.70
CA GLU B 81 7.87 -2.33 -25.45
C GLU B 81 8.88 -2.47 -26.58
N GLY B 82 8.58 -1.87 -27.72
CA GLY B 82 9.44 -1.92 -28.90
C GLY B 82 9.78 -3.33 -29.34
N ALA B 83 8.75 -4.11 -29.66
CA ALA B 83 8.92 -5.49 -30.09
C ALA B 83 9.40 -5.57 -31.55
N PRO B 84 9.93 -6.74 -31.96
CA PRO B 84 10.39 -6.85 -33.33
C PRO B 84 9.27 -7.25 -34.32
N LEU B 85 9.35 -6.69 -35.53
CA LEU B 85 8.46 -7.04 -36.63
C LEU B 85 8.76 -8.45 -37.13
N LEU B 86 7.73 -9.16 -37.57
CA LEU B 86 7.92 -10.53 -38.01
C LEU B 86 7.28 -10.81 -39.36
N THR B 87 8.08 -11.28 -40.31
CA THR B 87 7.58 -11.74 -41.60
C THR B 87 8.14 -13.12 -41.97
N GLY B 88 8.52 -13.90 -40.95
CA GLY B 88 9.07 -15.26 -41.11
C GLY B 88 8.30 -16.20 -42.03
N LYS B 89 8.93 -17.33 -42.39
CA LYS B 89 8.38 -18.28 -43.39
C LYS B 89 7.00 -18.89 -43.01
N PRO B 90 6.92 -19.65 -41.88
CA PRO B 90 5.60 -19.87 -41.33
C PRO B 90 5.32 -18.90 -40.19
N ALA B 91 6.28 -17.99 -39.94
CA ALA B 91 6.19 -16.87 -38.99
C ALA B 91 6.37 -17.21 -37.51
N THR B 92 7.50 -17.85 -37.18
CA THR B 92 7.81 -18.26 -35.81
C THR B 92 8.01 -17.04 -34.91
N LEU B 93 7.91 -17.23 -33.60
CA LEU B 93 8.39 -16.24 -32.64
C LEU B 93 9.87 -16.54 -32.37
N PRO B 94 10.64 -15.53 -31.95
CA PRO B 94 12.06 -15.78 -31.59
C PRO B 94 12.22 -16.74 -30.40
N MET B 95 12.94 -17.85 -30.61
CA MET B 95 13.10 -18.88 -29.59
C MET B 95 14.48 -19.51 -29.57
N ARG B 96 15.04 -19.64 -28.37
CA ARG B 96 16.32 -20.32 -28.18
C ARG B 96 16.29 -21.74 -28.76
N ALA B 97 17.27 -22.05 -29.60
CA ALA B 97 17.33 -23.33 -30.33
C ALA B 97 17.16 -24.55 -29.43
N ASP B 98 16.63 -25.63 -30.02
CA ASP B 98 16.20 -26.81 -29.27
C ASP B 98 15.43 -26.37 -28.01
N GLU B 99 14.34 -25.65 -28.26
CA GLU B 99 13.43 -25.20 -27.21
C GLU B 99 12.61 -26.32 -26.64
N PRO B 100 12.70 -26.55 -25.32
CA PRO B 100 11.77 -27.50 -24.70
C PRO B 100 10.34 -26.93 -24.57
N GLY B 101 9.36 -27.83 -24.57
CA GLY B 101 7.94 -27.47 -24.56
C GLY B 101 7.25 -28.00 -25.78
N ASP B 102 5.93 -28.03 -25.74
CA ASP B 102 5.15 -28.48 -26.88
C ASP B 102 5.14 -27.40 -27.95
N ARG B 103 5.14 -27.84 -29.20
CA ARG B 103 5.06 -26.93 -30.32
C ARG B 103 3.61 -26.49 -30.48
N MET B 104 3.44 -25.22 -30.80
CA MET B 104 2.14 -24.58 -30.78
C MET B 104 1.96 -23.76 -32.04
N ARG B 105 0.76 -23.80 -32.61
CA ARG B 105 0.40 -22.93 -33.73
C ARG B 105 -0.89 -22.19 -33.47
N PHE B 106 -0.79 -20.88 -33.50
CA PHE B 106 -1.95 -20.04 -33.33
C PHE B 106 -2.44 -19.60 -34.69
N THR B 107 -3.75 -19.49 -34.82
CA THR B 107 -4.42 -19.04 -36.04
C THR B 107 -5.58 -18.12 -35.68
N GLY B 108 -5.87 -17.12 -36.51
CA GLY B 108 -6.95 -16.19 -36.18
C GLY B 108 -7.16 -15.01 -37.09
N SER B 109 -7.95 -14.03 -36.66
CA SER B 109 -8.36 -12.89 -37.49
C SER B 109 -8.42 -11.54 -36.76
N VAL B 110 -8.50 -10.45 -37.53
CA VAL B 110 -8.73 -9.11 -36.99
C VAL B 110 -9.84 -8.42 -37.78
N ARG B 111 -11.06 -8.50 -37.24
CA ARG B 111 -12.24 -7.89 -37.87
C ARG B 111 -12.95 -6.99 -36.84
N ASP B 112 -13.95 -6.23 -37.29
CA ASP B 112 -14.73 -5.36 -36.39
C ASP B 112 -16.22 -5.73 -36.21
N THR B 113 -16.98 -4.76 -35.69
CA THR B 113 -18.44 -4.82 -35.57
C THR B 113 -19.03 -5.54 -36.77
N SER B 114 -18.86 -4.91 -37.94
CA SER B 114 -19.43 -5.35 -39.21
C SER B 114 -18.97 -6.76 -39.57
N GLY B 115 -17.65 -6.95 -39.59
CA GLY B 115 -17.03 -8.23 -39.96
C GLY B 115 -16.01 -8.10 -41.08
N THR B 116 -15.65 -6.86 -41.43
CA THR B 116 -14.61 -6.60 -42.44
C THR B 116 -13.24 -6.31 -41.82
N PRO B 117 -12.26 -7.07 -42.26
CA PRO B 117 -10.89 -6.98 -41.79
C PRO B 117 -10.35 -5.55 -41.71
N ILE B 118 -9.46 -5.34 -40.76
CA ILE B 118 -8.88 -4.02 -40.46
C ILE B 118 -7.38 -4.03 -40.76
N THR B 119 -7.07 -4.10 -42.05
CA THR B 119 -5.71 -4.36 -42.51
C THR B 119 -4.65 -3.62 -41.69
N GLY B 120 -4.95 -2.38 -41.32
CA GLY B 120 -4.00 -1.53 -40.58
C GLY B 120 -3.72 -1.88 -39.14
N ALA B 121 -3.82 -3.18 -38.81
CA ALA B 121 -3.63 -3.70 -37.45
C ALA B 121 -2.17 -4.09 -37.17
N VAL B 122 -1.78 -4.09 -35.89
CA VAL B 122 -0.45 -4.57 -35.45
C VAL B 122 -0.61 -5.40 -34.16
N ILE B 123 -0.42 -6.71 -34.25
CA ILE B 123 -0.68 -7.59 -33.09
C ILE B 123 0.58 -8.04 -32.31
N ASP B 124 0.72 -7.48 -31.10
CA ASP B 124 1.87 -7.78 -30.23
C ASP B 124 1.59 -9.00 -29.33
N VAL B 125 2.45 -9.99 -29.39
CA VAL B 125 2.27 -11.22 -28.60
C VAL B 125 3.48 -11.53 -27.71
N TRP B 126 3.21 -12.02 -26.49
CA TRP B 126 4.26 -12.46 -25.58
C TRP B 126 3.73 -13.46 -24.55
N HIS B 127 4.62 -14.31 -24.04
CA HIS B 127 4.25 -15.36 -23.08
C HIS B 127 5.46 -16.07 -22.48
N SER B 128 5.24 -16.78 -21.38
CA SER B 128 6.32 -17.43 -20.63
C SER B 128 6.93 -18.60 -21.38
N THR B 129 8.06 -19.09 -20.89
CA THR B 129 8.62 -20.35 -21.39
C THR B 129 7.84 -21.56 -20.88
N ASN B 130 8.14 -22.73 -21.44
CA ASN B 130 7.75 -24.01 -20.83
C ASN B 130 8.46 -24.08 -19.47
N ASP B 131 9.64 -23.45 -19.40
CA ASP B 131 10.43 -23.33 -18.18
C ASP B 131 9.72 -22.51 -17.08
N GLY B 132 8.78 -21.66 -17.49
CA GLY B 132 8.01 -20.86 -16.56
C GLY B 132 8.62 -19.50 -16.30
N ASN B 133 9.49 -19.06 -17.22
CA ASN B 133 10.13 -17.74 -17.15
C ASN B 133 9.79 -16.85 -18.36
N TYR B 134 9.48 -15.58 -18.08
CA TYR B 134 9.15 -14.62 -19.13
C TYR B 134 10.42 -14.07 -19.77
N SER B 135 10.28 -13.25 -20.82
CA SER B 135 11.43 -12.61 -21.48
C SER B 135 11.91 -11.40 -20.70
N PHE B 136 13.08 -10.90 -21.11
CA PHE B 136 13.75 -9.75 -20.50
C PHE B 136 14.23 -10.03 -19.07
N PHE B 137 13.29 -10.24 -18.15
CA PHE B 137 13.62 -10.28 -16.72
C PHE B 137 13.54 -11.65 -16.02
N SER B 138 14.69 -12.32 -16.04
CA SER B 138 14.98 -13.48 -15.20
C SER B 138 16.46 -13.75 -15.39
N PRO B 139 17.23 -13.78 -14.28
CA PRO B 139 18.67 -14.15 -14.31
C PRO B 139 18.99 -15.34 -15.24
N ALA B 140 17.97 -16.14 -15.56
CA ALA B 140 18.13 -17.29 -16.46
C ALA B 140 17.85 -16.95 -17.93
N LEU B 141 17.51 -15.70 -18.22
CA LEU B 141 17.23 -15.29 -19.59
C LEU B 141 17.87 -13.97 -19.97
N PRO B 142 18.44 -13.89 -21.18
CA PRO B 142 18.90 -12.63 -21.75
C PRO B 142 17.79 -11.58 -21.75
N ASP B 143 18.16 -10.31 -21.88
CA ASP B 143 17.17 -9.24 -21.90
C ASP B 143 16.62 -9.03 -23.31
N GLN B 144 17.05 -9.90 -24.22
CA GLN B 144 16.74 -9.83 -25.64
C GLN B 144 15.43 -10.52 -26.02
N TYR B 145 14.62 -9.84 -26.84
CA TYR B 145 13.31 -10.33 -27.37
C TYR B 145 13.21 -11.81 -27.72
N LEU B 146 12.53 -12.55 -26.82
CA LEU B 146 12.30 -13.99 -26.95
C LEU B 146 10.87 -14.32 -26.60
N LEU B 147 10.20 -15.01 -27.51
CA LEU B 147 8.77 -15.28 -27.39
C LEU B 147 8.00 -13.97 -27.18
N ARG B 148 8.41 -12.94 -27.90
CA ARG B 148 7.74 -11.65 -27.93
C ARG B 148 7.82 -11.14 -29.37
N GLY B 149 6.91 -10.25 -29.76
CA GLY B 149 6.89 -9.79 -31.16
C GLY B 149 5.64 -9.07 -31.66
N ARG B 150 5.77 -8.40 -32.80
CA ARG B 150 4.70 -7.62 -33.42
C ARG B 150 4.32 -8.27 -34.75
N VAL B 151 3.04 -8.57 -34.94
CA VAL B 151 2.60 -9.29 -36.14
C VAL B 151 1.47 -8.62 -36.91
N VAL B 152 1.72 -8.39 -38.19
CA VAL B 152 0.76 -7.77 -39.09
C VAL B 152 -0.16 -8.85 -39.66
N PRO B 153 -1.46 -8.52 -39.80
CA PRO B 153 -2.38 -9.45 -40.44
C PRO B 153 -2.25 -9.45 -41.96
N ALA B 154 -2.76 -10.50 -42.60
CA ALA B 154 -2.93 -10.50 -44.05
C ALA B 154 -3.92 -9.41 -44.49
N GLU B 155 -4.02 -9.13 -45.79
CA GLU B 155 -4.94 -8.09 -46.30
C GLU B 155 -6.39 -8.56 -46.36
N ASP B 156 -6.61 -9.86 -46.18
CA ASP B 156 -7.95 -10.42 -46.06
C ASP B 156 -8.37 -10.42 -44.59
N GLY B 157 -7.40 -10.17 -43.71
CA GLY B 157 -7.62 -10.12 -42.27
C GLY B 157 -6.78 -11.12 -41.49
N SER B 158 -6.91 -12.39 -41.85
CA SER B 158 -6.31 -13.52 -41.10
C SER B 158 -4.86 -13.34 -40.59
N ILE B 159 -4.60 -13.93 -39.42
CA ILE B 159 -3.27 -13.97 -38.83
C ILE B 159 -2.89 -15.38 -38.42
N GLU B 160 -1.59 -15.60 -38.32
CA GLU B 160 -1.05 -16.89 -37.92
C GLU B 160 0.32 -16.65 -37.34
N PHE B 161 0.67 -17.42 -36.32
CA PHE B 161 2.06 -17.55 -35.91
C PHE B 161 2.35 -18.90 -35.27
N HIS B 162 3.62 -19.27 -35.29
CA HIS B 162 4.11 -20.42 -34.57
C HIS B 162 4.80 -19.93 -33.31
N SER B 163 4.84 -20.79 -32.30
CA SER B 163 5.60 -20.57 -31.09
C SER B 163 5.60 -21.86 -30.32
N ILE B 164 5.79 -21.79 -29.00
CA ILE B 164 5.68 -22.98 -28.18
C ILE B 164 4.52 -22.81 -27.21
N ARG B 165 3.98 -23.93 -26.72
CA ARG B 165 2.86 -23.87 -25.78
C ARG B 165 3.30 -23.43 -24.39
N PRO B 166 2.78 -22.28 -23.94
CA PRO B 166 2.98 -21.75 -22.60
C PRO B 166 2.45 -22.70 -21.53
N VAL B 167 2.98 -22.57 -20.32
CA VAL B 167 2.50 -23.37 -19.20
C VAL B 167 2.25 -22.46 -18.00
N PRO B 168 1.36 -22.90 -17.08
CA PRO B 168 1.03 -22.11 -15.89
C PRO B 168 2.25 -21.62 -15.12
N TYR B 169 2.30 -20.31 -14.86
CA TYR B 169 3.36 -19.70 -14.04
C TYR B 169 2.80 -19.44 -12.65
N GLU B 170 3.57 -19.79 -11.64
CA GLU B 170 3.22 -19.44 -10.27
C GLU B 170 4.02 -18.23 -9.81
N ILE B 171 3.33 -17.32 -9.11
CA ILE B 171 3.99 -16.13 -8.57
C ILE B 171 4.82 -16.59 -7.36
N PRO B 172 6.06 -16.07 -7.24
CA PRO B 172 7.03 -16.59 -6.27
C PRO B 172 6.40 -16.97 -4.93
N LYS B 173 6.44 -18.25 -4.58
CA LYS B 173 5.90 -18.71 -3.30
C LYS B 173 6.49 -17.95 -2.09
N ALA B 174 7.52 -17.13 -2.35
CA ALA B 174 8.38 -16.57 -1.31
C ALA B 174 8.26 -15.04 -1.06
N GLY B 175 7.93 -14.29 -2.11
CA GLY B 175 7.65 -12.87 -1.95
C GLY B 175 6.32 -12.60 -1.27
N PRO B 176 6.18 -11.44 -0.57
CA PRO B 176 4.99 -10.97 0.11
C PRO B 176 3.64 -11.29 -0.55
N THR B 177 3.54 -11.09 -1.87
CA THR B 177 2.34 -11.47 -2.59
C THR B 177 2.10 -12.99 -2.51
N GLY B 178 3.16 -13.78 -2.73
CA GLY B 178 3.05 -15.24 -2.68
C GLY B 178 2.69 -15.67 -1.27
N GLN B 179 3.54 -15.26 -0.33
CA GLN B 179 3.25 -15.29 1.11
C GLN B 179 1.75 -15.12 1.44
N LEU B 180 1.12 -14.08 0.89
CA LEU B 180 -0.30 -13.85 1.09
C LEU B 180 -1.15 -14.93 0.45
N MET B 181 -0.94 -15.18 -0.85
CA MET B 181 -1.70 -16.19 -1.59
C MET B 181 -1.49 -17.59 -1.01
N ASN B 182 -0.22 -17.91 -0.75
CA ASN B 182 0.12 -19.25 -0.35
C ASN B 182 -0.12 -19.49 1.12
N SER B 183 0.56 -18.69 1.96
CA SER B 183 0.63 -18.93 3.39
C SER B 183 -0.59 -18.44 4.18
N TYR B 184 -0.79 -17.12 4.26
CA TYR B 184 -1.81 -16.47 5.12
C TYR B 184 -3.23 -16.71 4.66
N LEU B 185 -3.42 -16.73 3.34
CA LEU B 185 -4.74 -17.02 2.76
C LEU B 185 -4.89 -18.51 2.51
N GLY B 186 -3.76 -19.23 2.60
CA GLY B 186 -3.72 -20.68 2.46
C GLY B 186 -4.25 -21.20 1.14
N ARG B 187 -3.84 -20.57 0.05
CA ARG B 187 -4.25 -20.98 -1.31
C ARG B 187 -3.04 -21.19 -2.23
N HIS B 188 -3.21 -20.95 -3.53
CA HIS B 188 -2.12 -21.12 -4.49
C HIS B 188 -1.83 -19.81 -5.21
N SER B 189 -0.63 -19.68 -5.75
CA SER B 189 -0.28 -18.49 -6.48
C SER B 189 -0.01 -18.81 -7.96
N TRP B 190 -0.71 -19.80 -8.49
CA TRP B 190 -0.51 -20.21 -9.89
C TRP B 190 -1.44 -19.46 -10.79
N ARG B 191 -0.91 -19.02 -11.94
CA ARG B 191 -1.72 -18.48 -13.04
C ARG B 191 -1.89 -19.51 -14.14
N PRO B 192 -3.12 -19.66 -14.67
CA PRO B 192 -3.30 -20.60 -15.78
C PRO B 192 -2.41 -20.21 -16.96
N ALA B 193 -1.88 -21.22 -17.64
CA ALA B 193 -1.16 -21.04 -18.89
C ALA B 193 -1.94 -20.09 -19.79
N HIS B 194 -1.25 -19.08 -20.29
CA HIS B 194 -1.89 -18.05 -21.08
C HIS B 194 -0.89 -17.47 -22.07
N ILE B 195 -1.38 -16.67 -23.01
CA ILE B 195 -0.49 -15.98 -23.92
C ILE B 195 -1.03 -14.57 -24.05
N HIS B 196 -0.14 -13.58 -23.97
CA HIS B 196 -0.55 -12.18 -23.93
C HIS B 196 -0.71 -11.65 -25.33
N ILE B 197 -1.59 -10.66 -25.50
CA ILE B 197 -1.83 -10.03 -26.79
C ILE B 197 -2.13 -8.55 -26.64
N ARG B 198 -1.49 -7.73 -27.45
CA ARG B 198 -1.93 -6.35 -27.67
C ARG B 198 -2.25 -6.18 -29.15
N ILE B 199 -3.12 -5.23 -29.47
CA ILE B 199 -3.45 -4.94 -30.84
C ILE B 199 -3.66 -3.45 -31.03
N THR B 200 -2.94 -2.86 -31.98
CA THR B 200 -3.03 -1.44 -32.24
C THR B 200 -3.69 -1.21 -33.61
N ALA B 201 -4.03 0.06 -33.88
CA ALA B 201 -4.61 0.50 -35.16
C ALA B 201 -4.74 2.02 -35.26
N ASP B 202 -5.16 2.47 -36.43
CA ASP B 202 -5.57 3.85 -36.64
C ASP B 202 -7.09 3.85 -36.62
N GLY B 203 -7.68 4.75 -35.83
CA GLY B 203 -9.13 4.85 -35.70
C GLY B 203 -9.83 3.67 -35.06
N TYR B 204 -9.09 2.89 -34.28
CA TYR B 204 -9.66 1.81 -33.44
C TYR B 204 -9.06 1.90 -32.05
N ARG B 205 -9.86 1.59 -31.03
CA ARG B 205 -9.38 1.55 -29.65
C ARG B 205 -8.51 0.30 -29.43
N PRO B 206 -7.32 0.46 -28.83
CA PRO B 206 -6.40 -0.68 -28.64
C PRO B 206 -6.97 -1.78 -27.76
N LEU B 207 -6.61 -3.03 -28.04
CA LEU B 207 -7.04 -4.15 -27.21
C LEU B 207 -5.82 -4.78 -26.58
N ILE B 208 -5.97 -5.15 -25.31
CA ILE B 208 -4.96 -5.88 -24.55
C ILE B 208 -5.67 -6.99 -23.78
N THR B 209 -5.20 -8.21 -23.98
CA THR B 209 -5.84 -9.39 -23.42
C THR B 209 -4.94 -10.63 -23.43
N GLN B 210 -5.49 -11.72 -22.92
CA GLN B 210 -4.80 -12.98 -22.84
C GLN B 210 -5.71 -14.09 -23.36
N LEU B 211 -5.12 -15.24 -23.65
CA LEU B 211 -5.88 -16.42 -24.07
C LEU B 211 -5.36 -17.58 -23.27
N TYR B 212 -6.28 -18.41 -22.79
CA TYR B 212 -5.93 -19.50 -21.91
C TYR B 212 -6.21 -20.81 -22.64
N PHE B 213 -6.09 -21.93 -21.95
CA PHE B 213 -6.30 -23.23 -22.60
C PHE B 213 -7.33 -24.10 -21.89
N GLU B 214 -8.03 -24.92 -22.64
CA GLU B 214 -9.00 -25.86 -22.06
C GLU B 214 -8.27 -26.89 -21.19
N GLY B 215 -8.94 -27.33 -20.13
CA GLY B 215 -8.36 -28.25 -19.17
C GLY B 215 -7.14 -27.69 -18.46
N ASP B 216 -7.10 -26.36 -18.33
CA ASP B 216 -6.04 -25.68 -17.59
C ASP B 216 -6.42 -25.75 -16.11
N PRO B 217 -5.58 -26.41 -15.28
CA PRO B 217 -5.96 -26.69 -13.90
C PRO B 217 -6.32 -25.44 -13.08
N TYR B 218 -5.62 -24.34 -13.33
CA TYR B 218 -5.86 -23.11 -12.59
C TYR B 218 -6.73 -22.13 -13.35
N LEU B 219 -7.59 -22.63 -14.22
CA LEU B 219 -8.60 -21.80 -14.86
C LEU B 219 -9.50 -21.17 -13.78
N ASP B 220 -10.22 -22.04 -13.06
CA ASP B 220 -11.22 -21.62 -12.06
C ASP B 220 -10.56 -21.23 -10.73
N SER B 221 -9.40 -20.59 -10.80
CA SER B 221 -8.67 -20.09 -9.63
C SER B 221 -7.39 -19.32 -10.00
N ASP B 222 -7.51 -18.43 -10.98
CA ASP B 222 -6.40 -17.55 -11.40
C ASP B 222 -5.95 -16.68 -10.22
N SER B 223 -4.64 -16.66 -9.96
CA SER B 223 -4.05 -15.83 -8.90
C SER B 223 -4.25 -14.34 -9.19
N CYS B 224 -4.37 -13.99 -10.47
CA CYS B 224 -4.58 -12.60 -10.86
C CYS B 224 -6.02 -12.28 -11.29
N SER B 225 -6.92 -13.26 -11.16
CA SER B 225 -8.35 -13.10 -11.48
C SER B 225 -8.68 -12.65 -12.93
N ALA B 226 -7.69 -12.76 -13.82
CA ALA B 226 -7.80 -12.24 -15.20
C ALA B 226 -8.55 -13.14 -16.21
N VAL B 227 -9.14 -14.23 -15.70
CA VAL B 227 -9.88 -15.19 -16.51
C VAL B 227 -11.28 -14.72 -16.89
N LYS B 228 -11.66 -14.97 -18.15
CA LYS B 228 -13.05 -14.94 -18.58
C LYS B 228 -13.38 -16.25 -19.32
N SER B 229 -14.64 -16.44 -19.68
CA SER B 229 -15.04 -17.63 -20.45
C SER B 229 -14.68 -17.49 -21.93
N GLU B 230 -14.97 -16.33 -22.51
CA GLU B 230 -14.77 -16.04 -23.94
C GLU B 230 -13.32 -16.27 -24.36
N LEU B 231 -12.42 -16.31 -23.39
CA LEU B 231 -10.98 -16.31 -23.65
C LEU B 231 -10.28 -17.65 -23.46
N VAL B 232 -11.03 -18.69 -23.13
CA VAL B 232 -10.42 -20.01 -22.97
C VAL B 232 -10.48 -20.80 -24.30
N LEU B 233 -9.30 -21.10 -24.84
CA LEU B 233 -9.13 -21.65 -26.19
C LEU B 233 -9.30 -23.17 -26.29
N PRO B 234 -9.93 -23.63 -27.39
CA PRO B 234 -10.03 -25.06 -27.71
C PRO B 234 -8.72 -25.61 -28.26
N VAL B 235 -8.30 -26.78 -27.75
CA VAL B 235 -6.98 -27.37 -28.06
C VAL B 235 -7.06 -28.59 -29.00
N ASN B 236 -6.25 -28.55 -30.08
CA ASN B 236 -6.19 -29.65 -31.05
C ASN B 236 -4.85 -30.39 -30.99
N LYS B 237 -4.85 -31.54 -30.32
CA LYS B 237 -3.64 -32.36 -30.15
C LYS B 237 -3.32 -33.25 -31.35
N ILE B 238 -2.21 -32.90 -32.01
CA ILE B 238 -1.72 -33.53 -33.22
C ILE B 238 -0.27 -33.94 -33.01
N ASP B 239 0.04 -35.20 -33.27
CA ASP B 239 1.41 -35.67 -33.11
C ASP B 239 2.10 -35.71 -34.47
N ILE B 240 2.72 -34.59 -34.85
CA ILE B 240 3.60 -34.58 -36.03
C ILE B 240 4.93 -35.26 -35.67
N ASP B 241 4.77 -36.27 -34.79
CA ASP B 241 5.73 -37.35 -34.53
C ASP B 241 7.19 -36.94 -34.35
N GLY B 242 7.75 -37.42 -33.24
CA GLY B 242 8.82 -36.70 -32.58
C GLY B 242 8.09 -35.56 -31.87
N GLU B 243 7.94 -34.45 -32.58
CA GLU B 243 7.22 -33.27 -32.07
C GLU B 243 5.68 -33.43 -32.07
N THR B 244 5.09 -33.25 -30.89
CA THR B 244 3.63 -33.18 -30.72
C THR B 244 3.15 -31.72 -30.77
N TRP B 245 2.04 -31.47 -31.47
CA TRP B 245 1.59 -30.12 -31.78
C TRP B 245 0.30 -29.75 -31.13
N GLN B 246 0.11 -28.45 -30.91
CA GLN B 246 -1.13 -27.93 -30.32
C GLN B 246 -1.62 -26.73 -31.11
N LEU B 247 -2.78 -26.87 -31.74
CA LEU B 247 -3.28 -25.86 -32.65
C LEU B 247 -4.48 -25.16 -32.07
N VAL B 248 -4.47 -23.83 -32.21
CA VAL B 248 -5.47 -22.97 -31.57
C VAL B 248 -5.97 -21.88 -32.52
N ASP B 249 -7.24 -21.49 -32.38
CA ASP B 249 -7.84 -20.45 -33.22
C ASP B 249 -8.48 -19.30 -32.42
N PHE B 250 -8.37 -18.07 -32.92
CA PHE B 250 -9.11 -16.95 -32.31
C PHE B 250 -9.45 -15.80 -33.24
N ASN B 251 -10.69 -15.31 -33.13
CA ASN B 251 -11.13 -14.19 -33.98
C ASN B 251 -11.32 -12.86 -33.26
N PHE B 252 -10.21 -12.14 -33.08
CA PHE B 252 -10.18 -10.81 -32.46
C PHE B 252 -10.99 -9.73 -33.19
N ILE B 253 -11.96 -9.18 -32.47
CA ILE B 253 -12.78 -8.04 -32.93
C ILE B 253 -12.31 -6.82 -32.15
N LEU B 254 -12.52 -5.62 -32.69
CA LEU B 254 -11.91 -4.42 -32.10
C LEU B 254 -12.82 -3.21 -31.88
N GLN B 255 -12.23 -2.11 -31.43
CA GLN B 255 -12.94 -0.93 -30.95
C GLN B 255 -13.79 -0.27 -32.01
N HIS B 256 -13.28 0.83 -32.56
CA HIS B 256 -13.99 1.57 -33.59
C HIS B 256 -13.98 3.04 -33.25
N ASN B 257 -12.94 3.44 -32.51
CA ASN B 257 -12.73 4.82 -32.03
C ASN B 257 -13.90 5.44 -31.27
#